data_7KZ8
#
_entry.id   7KZ8
#
_cell.length_a   62.252
_cell.length_b   41.961
_cell.length_c   93.143
_cell.angle_alpha   90.000
_cell.angle_beta   99.550
_cell.angle_gamma   90.000
#
_symmetry.space_group_name_H-M   'P 1 21 1'
#
loop_
_entity.id
_entity.type
_entity.pdbx_description
1 polymer 'Peptide/nickel transport system substrate-binding protein AapF'
2 non-polymer GLYCEROL
3 water water
#
_entity_poly.entity_id   1
_entity_poly.type   'polypeptide(L)'
_entity_poly.pdbx_seq_one_letter_code
;MGSSHHHHHHSSGAGVLTIGCREDSTTFDPIKSAQNRDTWVFANVYDTLVRVDNLGTKMEPGLAESWDISKDGLTYTFKL
REAKFSDGSPITAEDAAFSLLRIRDNKASLWSDPFSLINTAKATDPKTLVVTLKTPAVAFLSQLASPTVSILSEKAMTKM
GEDAYAENPVTSGAFTVDEWRKGDRVILKKNPNFWQAKNVSLDGVEWVSVTDDNTRMRMVQNNELDTAIFVPFSRVEELK
KDKNVVIHSDPSTREDHLLINHEHGLLAKPEVRQALDMAIDKQSLVKTATYGQGTVAYSYIPKGSLYHYANNLQRPYDPA
AAKKLLADAGAKDLKLNYVVNAGNEADEQIAVIIKDQLAKVGVTANLQKVDPTQSWQMLVDGTYDISVMYWTNDILDPDQ
KTTFVLGHDTNQNYMTRYKNDQVKALVAAARIEADPAKREQMYIDLQKLAKQDVNWIDLYYSPYINISRKNVSNFLQNPL
GRFTLEEVVKN
;
_entity_poly.pdbx_strand_id   A
#
loop_
_chem_comp.id
_chem_comp.type
_chem_comp.name
_chem_comp.formula
GOL non-polymer GLYCEROL 'C3 H8 O3'
#
# COMPACT_ATOMS: atom_id res chain seq x y z
N GLY A 15 19.20 4.00 21.57
CA GLY A 15 18.15 5.01 21.61
C GLY A 15 17.52 5.32 20.26
N VAL A 16 18.16 4.80 19.21
CA VAL A 16 17.70 4.97 17.83
C VAL A 16 17.39 3.59 17.27
N LEU A 17 16.25 3.45 16.61
CA LEU A 17 15.75 2.15 16.14
C LEU A 17 15.98 2.01 14.63
N THR A 18 16.81 1.05 14.27
CA THR A 18 17.11 0.77 12.88
C THR A 18 16.13 -0.28 12.36
N ILE A 19 15.62 -0.05 11.16
CA ILE A 19 14.66 -0.95 10.53
C ILE A 19 15.20 -1.32 9.16
N GLY A 20 15.60 -2.56 9.00
CA GLY A 20 15.86 -3.07 7.67
C GLY A 20 14.60 -3.01 6.82
N CYS A 21 14.72 -2.46 5.61
CA CYS A 21 13.61 -2.44 4.69
C CYS A 21 14.12 -2.93 3.32
N ARG A 22 13.21 -3.05 2.34
CA ARG A 22 13.58 -3.47 0.97
C ARG A 22 13.61 -2.27 0.02
N GLU A 23 12.47 -1.87 -0.54
CA GLU A 23 12.43 -0.66 -1.35
C GLU A 23 12.64 0.57 -0.48
N ASP A 24 13.35 1.55 -1.03
CA ASP A 24 13.81 2.75 -0.33
C ASP A 24 12.96 3.97 -0.68
N SER A 25 13.02 4.98 0.19
CA SER A 25 12.26 6.22 0.04
C SER A 25 12.55 6.90 -1.30
N THR A 26 11.50 7.38 -1.95
CA THR A 26 11.64 8.24 -3.12
C THR A 26 11.24 9.68 -2.88
N THR A 27 10.37 9.94 -1.92
CA THR A 27 9.87 11.30 -1.70
C THR A 27 9.33 11.38 -0.28
N PHE A 28 8.98 12.62 0.13
CA PHE A 28 8.30 12.86 1.39
C PHE A 28 7.06 13.72 1.22
N ASP A 29 6.72 14.07 -0.01
CA ASP A 29 5.43 14.65 -0.34
C ASP A 29 4.45 13.51 -0.60
N PRO A 30 3.50 13.25 0.30
CA PRO A 30 2.58 12.09 0.14
C PRO A 30 1.85 11.97 -1.18
N ILE A 31 1.59 13.07 -1.88
CA ILE A 31 0.73 12.96 -3.05
C ILE A 31 1.46 12.39 -4.26
N LYS A 32 2.78 12.33 -4.28
CA LYS A 32 3.47 11.86 -5.48
C LYS A 32 4.01 10.42 -5.35
N SER A 33 3.59 9.65 -4.33
CA SER A 33 4.04 8.28 -4.18
C SER A 33 2.86 7.38 -3.88
N ALA A 34 2.78 6.26 -4.59
CA ALA A 34 1.79 5.24 -4.32
C ALA A 34 2.42 4.00 -3.71
N GLN A 35 3.63 4.13 -3.17
CA GLN A 35 4.45 3.01 -2.76
C GLN A 35 4.74 3.04 -1.27
N ASN A 36 4.62 1.87 -0.64
CA ASN A 36 4.82 1.74 0.80
C ASN A 36 6.24 2.13 1.23
N ARG A 37 7.21 2.09 0.31
CA ARG A 37 8.56 2.51 0.64
C ARG A 37 8.59 3.95 1.12
N ASP A 38 7.58 4.74 0.76
CA ASP A 38 7.43 6.11 1.25
C ASP A 38 6.39 6.19 2.35
N THR A 39 5.22 5.58 2.14
CA THR A 39 4.12 5.78 3.09
C THR A 39 4.41 5.12 4.43
N TRP A 40 5.09 3.98 4.44
CA TRP A 40 5.43 3.40 5.73
C TRP A 40 6.53 4.18 6.43
N VAL A 41 7.32 4.94 5.69
CA VAL A 41 8.29 5.83 6.31
C VAL A 41 7.60 7.07 6.84
N PHE A 42 6.87 7.80 6.00
CA PHE A 42 6.41 9.09 6.50
C PHE A 42 5.12 9.02 7.31
N ALA A 43 4.48 7.85 7.41
CA ALA A 43 3.35 7.71 8.32
C ALA A 43 3.71 8.08 9.76
N ASN A 44 4.99 8.03 10.11
CA ASN A 44 5.47 8.49 11.40
C ASN A 44 6.14 9.86 11.34
N VAL A 45 6.32 10.39 10.14
CA VAL A 45 6.88 11.72 9.98
C VAL A 45 5.78 12.77 10.03
N TYR A 46 4.66 12.54 9.37
CA TYR A 46 3.49 13.37 9.52
C TYR A 46 2.43 12.65 10.34
N ASP A 47 1.39 13.40 10.59
CA ASP A 47 0.20 13.01 11.34
C ASP A 47 -1.01 13.37 10.45
N THR A 48 -2.16 12.86 10.80
CA THR A 48 -3.33 13.07 10.03
C THR A 48 -4.45 13.56 10.93
N LEU A 49 -5.52 14.07 10.36
CA LEU A 49 -6.63 14.55 11.16
C LEU A 49 -7.25 13.45 11.94
N VAL A 50 -7.40 12.31 11.29
CA VAL A 50 -7.98 11.09 11.79
C VAL A 50 -6.91 10.00 11.71
N ARG A 51 -6.99 9.05 12.58
CA ARG A 51 -6.08 7.97 12.62
C ARG A 51 -6.85 6.71 12.80
N VAL A 52 -6.15 5.63 12.81
CA VAL A 52 -6.77 4.39 12.96
C VAL A 52 -6.10 3.71 14.11
N ASP A 53 -6.86 2.95 14.87
CA ASP A 53 -6.37 2.21 15.96
C ASP A 53 -5.46 1.05 15.57
N ASN A 54 -4.72 0.51 16.53
CA ASN A 54 -3.77 -0.55 16.30
C ASN A 54 -4.36 -1.79 15.76
N LEU A 55 -5.56 -2.09 16.18
CA LEU A 55 -6.28 -3.20 15.69
C LEU A 55 -6.86 -3.05 14.32
N GLY A 56 -6.95 -1.83 13.79
CA GLY A 56 -7.51 -1.58 12.48
C GLY A 56 -8.98 -1.84 12.36
N THR A 57 -9.74 -1.34 13.31
CA THR A 57 -11.17 -1.57 13.42
C THR A 57 -11.97 -0.26 13.53
N LYS A 58 -11.32 0.81 13.84
CA LYS A 58 -12.06 2.03 13.95
C LYS A 58 -11.23 3.22 13.78
N MET A 59 -11.89 4.32 13.48
CA MET A 59 -11.23 5.61 13.43
C MET A 59 -11.17 6.21 14.83
N GLU A 60 -10.03 6.81 15.15
CA GLU A 60 -9.88 7.52 16.41
C GLU A 60 -9.32 8.91 16.13
N PRO A 61 -9.43 9.84 17.08
CA PRO A 61 -9.02 11.22 16.78
C PRO A 61 -7.51 11.35 16.61
N GLY A 62 -7.11 12.26 15.72
CA GLY A 62 -5.72 12.59 15.46
C GLY A 62 -5.47 14.08 15.59
N LEU A 63 -5.10 14.78 14.51
CA LEU A 63 -4.99 16.23 14.60
C LEU A 63 -6.33 16.86 14.95
N ALA A 64 -7.41 16.29 14.43
CA ALA A 64 -8.76 16.69 14.78
C ALA A 64 -9.18 15.95 16.03
N GLU A 65 -9.47 16.68 17.11
CA GLU A 65 -9.89 16.08 18.37
C GLU A 65 -11.33 15.60 18.33
N SER A 66 -12.09 16.04 17.35
CA SER A 66 -13.50 15.68 17.22
C SER A 66 -13.97 16.19 15.88
N TRP A 67 -15.15 15.71 15.47
CA TRP A 67 -15.70 16.15 14.19
C TRP A 67 -17.15 15.72 14.11
N ASP A 68 -17.93 16.43 13.27
CA ASP A 68 -19.36 16.25 13.21
C ASP A 68 -19.85 16.34 11.77
N ILE A 69 -20.98 15.68 11.50
CA ILE A 69 -21.46 15.53 10.13
C ILE A 69 -22.89 16.05 10.01
N SER A 70 -23.10 16.84 8.97
CA SER A 70 -24.40 17.43 8.69
C SER A 70 -25.33 16.35 8.15
N LYS A 71 -26.65 16.60 8.27
CA LYS A 71 -27.60 15.60 7.78
C LYS A 71 -27.39 15.32 6.30
N ASP A 72 -27.37 16.38 5.51
CA ASP A 72 -27.14 16.23 4.08
C ASP A 72 -25.90 15.41 3.79
N GLY A 73 -24.98 15.32 4.75
CA GLY A 73 -23.80 14.51 4.59
C GLY A 73 -22.77 15.07 3.64
N LEU A 74 -22.82 16.38 3.36
CA LEU A 74 -21.85 16.98 2.47
C LEU A 74 -20.85 17.87 3.17
N THR A 75 -21.03 18.15 4.45
CA THR A 75 -20.13 19.04 5.17
C THR A 75 -19.51 18.32 6.37
N TYR A 76 -18.19 18.25 6.35
CA TYR A 76 -17.40 17.66 7.42
C TYR A 76 -16.74 18.81 8.18
N THR A 77 -17.12 18.98 9.44
CA THR A 77 -16.50 19.96 10.31
C THR A 77 -15.56 19.26 11.29
N PHE A 78 -14.31 19.69 11.29
CA PHE A 78 -13.28 19.13 12.16
C PHE A 78 -12.85 20.17 13.18
N LYS A 79 -12.80 19.78 14.45
CA LYS A 79 -12.24 20.61 15.50
C LYS A 79 -10.78 20.20 15.70
N LEU A 80 -9.87 21.16 15.55
CA LEU A 80 -8.44 20.89 15.65
C LEU A 80 -7.90 21.17 17.04
N ARG A 81 -6.99 20.31 17.48
CA ARG A 81 -6.38 20.50 18.79
C ARG A 81 -5.16 21.40 18.67
N GLU A 82 -4.74 21.91 19.80
CA GLU A 82 -3.48 22.63 19.84
C GLU A 82 -2.34 21.67 19.52
N ALA A 83 -1.60 21.97 18.47
CA ALA A 83 -0.55 21.08 18.02
C ALA A 83 0.37 21.85 17.07
N LYS A 84 1.66 21.60 17.19
CA LYS A 84 2.63 22.42 16.48
C LYS A 84 3.37 21.57 15.44
N PHE A 85 3.91 22.26 14.44
CA PHE A 85 4.69 21.62 13.38
C PHE A 85 6.10 21.29 13.87
N SER A 86 6.90 20.79 12.93
CA SER A 86 8.28 20.45 13.23
C SER A 86 9.11 21.67 13.61
N ASP A 87 8.86 22.81 12.96
CA ASP A 87 9.69 24.00 13.15
C ASP A 87 9.19 24.93 14.24
N GLY A 88 8.06 24.62 14.90
CA GLY A 88 7.51 25.42 15.96
C GLY A 88 6.16 26.03 15.63
N SER A 89 5.94 26.41 14.37
CA SER A 89 4.69 27.08 13.99
C SER A 89 3.49 26.19 14.31
N PRO A 90 2.29 26.78 14.42
CA PRO A 90 1.11 25.99 14.77
C PRO A 90 0.49 25.30 13.55
N ILE A 91 -0.19 24.18 13.82
CA ILE A 91 -0.87 23.40 12.79
C ILE A 91 -2.30 23.91 12.76
N THR A 92 -2.63 24.71 11.74
CA THR A 92 -3.95 25.32 11.65
C THR A 92 -4.82 24.59 10.63
N ALA A 93 -6.12 24.82 10.73
CA ALA A 93 -7.04 24.24 9.75
C ALA A 93 -6.75 24.73 8.34
N GLU A 94 -6.08 25.88 8.21
CA GLU A 94 -5.63 26.29 6.88
C GLU A 94 -4.52 25.38 6.36
N ASP A 95 -3.73 24.78 7.27
CA ASP A 95 -2.76 23.77 6.84
C ASP A 95 -3.47 22.53 6.31
N ALA A 96 -4.47 22.03 7.06
CA ALA A 96 -5.22 20.85 6.63
C ALA A 96 -5.94 21.10 5.31
N ALA A 97 -6.66 22.22 5.22
CA ALA A 97 -7.37 22.55 3.98
C ALA A 97 -6.43 22.52 2.80
N PHE A 98 -5.23 23.07 2.96
CA PHE A 98 -4.25 23.10 1.89
C PHE A 98 -3.76 21.69 1.54
N SER A 99 -3.71 20.79 2.53
CA SER A 99 -3.16 19.46 2.29
C SER A 99 -4.16 18.58 1.55
N LEU A 100 -5.43 18.59 2.01
CA LEU A 100 -6.49 17.95 1.25
C LEU A 100 -6.54 18.47 -0.17
N LEU A 101 -6.62 19.79 -0.33
CA LEU A 101 -6.88 20.36 -1.64
C LEU A 101 -5.83 19.96 -2.66
N ARG A 102 -4.55 19.95 -2.27
CA ARG A 102 -3.52 19.60 -3.25
C ARG A 102 -3.58 18.14 -3.69
N ILE A 103 -4.32 17.27 -3.03
CA ILE A 103 -4.38 15.91 -3.53
C ILE A 103 -5.31 15.90 -4.74
N ARG A 104 -6.44 16.58 -4.61
CA ARG A 104 -7.37 16.69 -5.71
C ARG A 104 -6.83 17.51 -6.86
N ASP A 105 -6.20 18.62 -6.53
CA ASP A 105 -5.72 19.57 -7.53
C ASP A 105 -4.31 19.54 -8.09
N ASN A 106 -3.31 19.08 -7.35
CA ASN A 106 -1.95 19.11 -7.90
C ASN A 106 -1.81 18.14 -9.05
N LYS A 107 -1.13 18.60 -10.08
CA LYS A 107 -0.95 17.84 -11.25
C LYS A 107 -0.26 16.53 -11.03
N ALA A 108 0.69 16.53 -10.14
CA ALA A 108 1.49 15.39 -9.83
C ALA A 108 0.85 14.43 -8.87
N SER A 109 -0.42 14.59 -8.64
CA SER A 109 -1.08 13.77 -7.64
C SER A 109 -1.49 12.43 -8.23
N LEU A 110 -1.09 11.37 -7.53
CA LEU A 110 -1.44 9.99 -7.84
C LEU A 110 -2.71 9.54 -7.16
N TRP A 111 -3.37 10.42 -6.41
CA TRP A 111 -4.50 10.06 -5.56
C TRP A 111 -5.70 10.96 -5.80
N SER A 112 -5.74 11.64 -6.95
CA SER A 112 -6.72 12.70 -7.12
C SER A 112 -8.14 12.16 -7.22
N ASP A 113 -8.34 11.07 -7.98
CA ASP A 113 -9.68 10.64 -8.35
C ASP A 113 -10.63 10.47 -7.16
N PRO A 114 -10.21 9.91 -6.04
CA PRO A 114 -11.18 9.87 -4.96
C PRO A 114 -11.36 11.24 -4.29
N PHE A 115 -10.45 12.17 -4.54
CA PHE A 115 -10.54 13.48 -3.95
C PHE A 115 -11.14 14.54 -4.82
N SER A 116 -11.77 14.15 -5.88
CA SER A 116 -12.45 15.06 -6.75
C SER A 116 -13.90 15.27 -6.30
N LEU A 117 -14.27 14.45 -5.34
CA LEU A 117 -15.55 14.53 -4.67
C LEU A 117 -15.60 15.72 -3.74
N ILE A 118 -14.54 16.51 -3.74
CA ILE A 118 -14.44 17.63 -2.86
C ILE A 118 -14.72 18.93 -3.55
N ASN A 119 -15.70 19.66 -3.03
CA ASN A 119 -15.99 20.94 -3.57
C ASN A 119 -15.02 21.89 -2.92
N THR A 120 -15.04 21.99 -1.59
CA THR A 120 -14.11 22.91 -0.95
C THR A 120 -13.65 22.34 0.38
N ALA A 121 -12.40 22.68 0.72
CA ALA A 121 -11.86 22.60 2.07
C ALA A 121 -11.56 24.01 2.51
N LYS A 122 -12.12 24.38 3.64
CA LYS A 122 -11.96 25.67 4.18
C LYS A 122 -11.99 25.62 5.70
N ALA A 123 -11.21 26.51 6.23
CA ALA A 123 -11.06 26.74 7.60
C ALA A 123 -11.57 28.08 7.86
N THR A 124 -12.64 28.09 8.59
CA THR A 124 -13.25 29.27 9.07
C THR A 124 -12.38 29.86 10.14
N ASP A 125 -11.97 28.95 10.99
CA ASP A 125 -11.24 29.21 12.18
C ASP A 125 -9.99 28.50 12.15
N PRO A 126 -9.05 28.96 12.96
CA PRO A 126 -7.78 28.28 13.05
C PRO A 126 -7.99 26.88 13.57
N LYS A 127 -8.88 26.65 14.52
CA LYS A 127 -9.16 25.36 15.04
C LYS A 127 -10.18 24.61 14.19
N THR A 128 -10.75 25.26 13.19
CA THR A 128 -11.84 24.59 12.49
C THR A 128 -11.67 24.30 11.04
N LEU A 129 -11.90 23.07 10.64
CA LEU A 129 -11.80 22.72 9.23
C LEU A 129 -13.16 22.30 8.73
N VAL A 130 -13.63 22.95 7.67
CA VAL A 130 -14.93 22.67 7.07
C VAL A 130 -14.68 22.19 5.65
N VAL A 131 -15.18 20.99 5.34
CA VAL A 131 -14.97 20.37 4.04
C VAL A 131 -16.33 20.10 3.42
N THR A 132 -16.54 20.57 2.20
CA THR A 132 -17.81 20.42 1.51
C THR A 132 -17.62 19.56 0.26
N LEU A 133 -18.32 18.42 0.22
CA LEU A 133 -18.25 17.52 -0.91
C LEU A 133 -19.38 17.81 -1.91
N LYS A 134 -19.24 17.23 -3.10
CA LYS A 134 -20.27 17.35 -4.12
C LYS A 134 -21.43 16.39 -3.88
N THR A 135 -21.18 15.27 -3.19
CA THR A 135 -22.11 14.19 -3.01
C THR A 135 -21.68 13.47 -1.75
N PRO A 136 -22.60 12.97 -0.92
CA PRO A 136 -22.17 12.16 0.23
C PRO A 136 -21.21 11.03 -0.17
N ALA A 137 -20.41 10.57 0.79
CA ALA A 137 -19.47 9.49 0.56
C ALA A 137 -18.91 9.00 1.89
N VAL A 138 -19.49 7.91 2.42
CA VAL A 138 -19.12 7.42 3.75
C VAL A 138 -17.63 7.17 3.85
N ALA A 139 -16.98 6.87 2.72
CA ALA A 139 -15.55 6.60 2.69
C ALA A 139 -14.69 7.80 3.06
N PHE A 140 -15.27 9.00 3.18
CA PHE A 140 -14.44 10.18 3.24
C PHE A 140 -13.73 10.31 4.58
N LEU A 141 -14.48 10.16 5.68
CA LEU A 141 -13.84 10.20 7.00
C LEU A 141 -12.72 9.17 7.07
N SER A 142 -13.01 7.93 6.65
CA SER A 142 -11.98 6.90 6.60
C SER A 142 -10.81 7.34 5.74
N GLN A 143 -11.13 8.02 4.65
CA GLN A 143 -10.11 8.45 3.79
C GLN A 143 -9.09 9.35 4.40
N LEU A 144 -9.45 10.12 5.39
CA LEU A 144 -8.50 11.03 5.98
C LEU A 144 -7.40 10.43 6.82
N ALA A 145 -7.57 9.19 7.23
CA ALA A 145 -6.60 8.45 7.97
C ALA A 145 -5.38 8.08 7.15
N SER A 146 -5.56 7.95 5.85
CA SER A 146 -4.44 7.54 5.03
C SER A 146 -3.33 8.56 5.12
N PRO A 147 -2.07 8.09 5.09
CA PRO A 147 -0.82 8.86 5.12
C PRO A 147 -0.65 9.80 3.92
N THR A 148 -1.30 9.51 2.81
CA THR A 148 -1.31 10.35 1.64
C THR A 148 -1.90 11.71 2.02
N VAL A 149 -2.99 11.73 2.78
CA VAL A 149 -3.54 13.00 3.24
C VAL A 149 -2.94 13.40 4.59
N SER A 150 -1.64 13.63 4.60
CA SER A 150 -0.89 14.02 5.78
C SER A 150 -0.85 15.51 5.82
N ILE A 151 -1.11 16.08 7.00
CA ILE A 151 -1.10 17.52 7.10
C ILE A 151 0.29 18.04 6.89
N LEU A 152 0.45 18.94 5.94
CA LEU A 152 1.71 19.55 5.67
C LEU A 152 1.64 21.00 6.10
N SER A 153 2.76 21.69 6.01
CA SER A 153 2.75 23.09 6.37
C SER A 153 2.56 23.88 5.11
N GLU A 154 1.46 24.62 5.06
CA GLU A 154 1.24 25.46 3.92
C GLU A 154 2.30 26.53 3.87
N LYS A 155 2.62 27.11 5.02
CA LYS A 155 3.61 28.18 5.06
C LYS A 155 4.98 27.74 4.60
N ALA A 156 5.42 26.56 5.03
CA ALA A 156 6.76 26.09 4.67
C ALA A 156 6.84 25.66 3.23
N MET A 157 5.80 24.98 2.75
CA MET A 157 5.83 24.62 1.34
C MET A 157 5.67 25.86 0.47
N THR A 158 4.87 26.83 0.92
CA THR A 158 4.81 28.12 0.26
C THR A 158 5.93 29.06 0.73
N LYS A 159 6.95 28.56 1.45
CA LYS A 159 8.18 29.32 1.51
C LYS A 159 9.29 28.57 0.76
N MET A 160 9.35 27.24 0.94
CA MET A 160 10.42 26.44 0.36
C MET A 160 10.20 26.09 -1.10
N GLY A 161 8.96 25.88 -1.51
CA GLY A 161 8.71 25.22 -2.77
C GLY A 161 8.46 23.73 -2.57
N GLU A 162 7.65 23.17 -3.47
CA GLU A 162 7.20 21.80 -3.28
C GLU A 162 8.32 20.79 -3.52
N ASP A 163 9.28 21.11 -4.37
CA ASP A 163 10.37 20.19 -4.61
C ASP A 163 11.29 20.09 -3.40
N ALA A 164 11.73 21.25 -2.88
CA ALA A 164 12.64 21.25 -1.74
C ALA A 164 11.97 20.68 -0.49
N TYR A 165 10.68 20.98 -0.29
CA TYR A 165 9.95 20.42 0.84
C TYR A 165 10.06 18.90 0.88
N ALA A 166 9.89 18.25 -0.29
CA ALA A 166 9.90 16.80 -0.35
C ALA A 166 11.24 16.17 0.00
N GLU A 167 12.28 16.97 0.29
CA GLU A 167 13.57 16.45 0.75
C GLU A 167 13.88 16.81 2.20
N ASN A 168 13.47 18.02 2.63
CA ASN A 168 13.46 18.41 4.04
C ASN A 168 12.07 18.94 4.35
N PRO A 169 11.13 18.07 4.70
CA PRO A 169 9.80 18.55 5.05
C PRO A 169 9.75 19.14 6.45
N VAL A 170 8.86 20.10 6.64
CA VAL A 170 8.37 20.43 7.96
C VAL A 170 7.23 19.48 8.27
N THR A 171 7.26 18.87 9.45
CA THR A 171 6.42 17.72 9.74
C THR A 171 5.52 17.97 10.95
N SER A 172 4.39 17.29 10.94
CA SER A 172 3.36 17.33 11.97
C SER A 172 3.35 16.09 12.85
N GLY A 173 4.17 15.09 12.53
CA GLY A 173 4.18 13.82 13.21
C GLY A 173 5.39 13.64 14.12
N ALA A 174 5.59 12.38 14.53
CA ALA A 174 6.47 12.11 15.65
C ALA A 174 7.94 12.30 15.30
N PHE A 175 8.27 12.36 14.02
CA PHE A 175 9.67 12.43 13.60
C PHE A 175 9.84 13.40 12.44
N THR A 176 11.09 13.84 12.30
CA THR A 176 11.55 14.69 11.22
C THR A 176 12.62 13.93 10.44
N VAL A 177 12.80 14.30 9.18
CA VAL A 177 13.83 13.72 8.33
C VAL A 177 15.14 14.44 8.61
N ASP A 178 15.97 13.85 9.48
CA ASP A 178 17.27 14.43 9.81
C ASP A 178 18.19 14.45 8.59
N GLU A 179 18.52 13.26 8.07
CA GLU A 179 19.28 13.16 6.83
C GLU A 179 18.71 12.02 6.01
N TRP A 180 18.90 12.12 4.70
CA TRP A 180 18.33 11.16 3.78
C TRP A 180 19.41 10.84 2.75
N ARG A 181 20.09 9.71 2.93
CA ARG A 181 21.06 9.22 1.96
C ARG A 181 20.30 8.36 0.96
N LYS A 182 20.07 8.91 -0.23
CA LYS A 182 19.17 8.29 -1.19
C LYS A 182 19.66 6.89 -1.60
N GLY A 183 18.73 5.93 -1.58
CA GLY A 183 19.07 4.56 -1.85
C GLY A 183 19.67 3.78 -0.70
N ASP A 184 20.04 4.44 0.41
CA ASP A 184 20.77 3.76 1.49
C ASP A 184 20.02 3.78 2.83
N ARG A 185 19.77 4.96 3.42
CA ARG A 185 19.02 5.00 4.66
C ARG A 185 18.40 6.38 4.88
N VAL A 186 17.21 6.38 5.46
CA VAL A 186 16.54 7.58 5.90
C VAL A 186 16.71 7.65 7.42
N ILE A 187 17.34 8.72 7.88
CA ILE A 187 17.57 8.92 9.31
C ILE A 187 16.54 9.92 9.80
N LEU A 188 15.72 9.50 10.76
CA LEU A 188 14.70 10.36 11.36
C LEU A 188 15.10 10.72 12.79
N LYS A 189 14.76 11.94 13.19
CA LYS A 189 14.96 12.38 14.57
C LYS A 189 13.60 12.62 15.22
N LYS A 190 13.49 12.27 16.50
CA LYS A 190 12.27 12.57 17.23
C LYS A 190 11.96 14.06 17.12
N ASN A 191 10.69 14.37 16.88
CA ASN A 191 10.23 15.74 16.73
C ASN A 191 9.64 16.19 18.07
N PRO A 192 10.38 16.94 18.89
CA PRO A 192 9.83 17.35 20.19
C PRO A 192 8.59 18.21 20.09
N ASN A 193 8.47 19.00 19.04
CA ASN A 193 7.25 19.77 18.82
C ASN A 193 6.02 18.92 18.47
N PHE A 194 6.17 17.61 18.33
CA PHE A 194 5.03 16.74 18.08
C PHE A 194 4.10 16.74 19.28
N TRP A 195 2.81 16.97 19.03
CA TRP A 195 1.82 17.11 20.09
C TRP A 195 1.66 15.85 20.94
N GLN A 196 2.36 14.77 20.61
CA GLN A 196 2.42 13.60 21.47
C GLN A 196 3.86 13.15 21.69
N ALA A 197 4.79 14.08 21.56
CA ALA A 197 6.21 13.80 21.75
C ALA A 197 6.54 13.19 23.10
N LYS A 198 5.71 13.45 24.10
CA LYS A 198 5.92 12.93 25.45
C LYS A 198 5.79 11.41 25.53
N ASN A 199 4.96 10.84 24.68
CA ASN A 199 4.77 9.40 24.54
C ASN A 199 5.81 8.65 23.70
N VAL A 200 6.60 9.38 22.92
CA VAL A 200 7.62 8.80 22.05
C VAL A 200 8.95 8.50 22.75
N SER A 201 9.24 7.24 23.01
CA SER A 201 10.47 6.90 23.64
C SER A 201 11.69 7.10 22.77
N LEU A 202 11.54 6.71 21.54
CA LEU A 202 12.60 6.72 20.60
C LEU A 202 13.20 8.02 20.27
N ASP A 203 14.50 8.02 20.11
CA ASP A 203 15.15 9.27 19.74
C ASP A 203 15.28 9.43 18.24
N GLY A 204 15.31 8.32 17.51
CA GLY A 204 15.33 8.41 16.07
C GLY A 204 14.95 7.07 15.49
N VAL A 205 14.63 7.10 14.21
CA VAL A 205 14.41 5.88 13.46
C VAL A 205 15.32 5.93 12.26
N GLU A 206 15.91 4.80 11.93
CA GLU A 206 16.64 4.65 10.68
C GLU A 206 16.00 3.54 9.87
N TRP A 207 15.53 3.89 8.66
CA TRP A 207 15.12 2.88 7.68
C TRP A 207 16.31 2.60 6.78
N VAL A 208 16.81 1.37 6.83
CA VAL A 208 18.03 0.99 6.12
C VAL A 208 17.65 0.00 5.03
N SER A 209 17.92 0.38 3.78
CA SER A 209 17.49 -0.44 2.66
C SER A 209 18.45 -1.60 2.47
N VAL A 210 17.97 -2.82 2.69
CA VAL A 210 18.72 -4.04 2.42
C VAL A 210 17.86 -4.88 1.48
N THR A 211 18.22 -4.87 0.20
CA THR A 211 17.35 -5.46 -0.82
C THR A 211 17.35 -6.99 -0.76
N ASP A 212 18.44 -7.62 -0.30
CA ASP A 212 18.46 -9.07 -0.16
C ASP A 212 17.85 -9.49 1.18
N ASP A 213 16.91 -10.44 1.13
CA ASP A 213 16.15 -10.81 2.33
C ASP A 213 17.03 -11.53 3.34
N ASN A 214 17.91 -12.43 2.87
CA ASN A 214 18.78 -13.14 3.79
C ASN A 214 19.74 -12.20 4.49
N THR A 215 20.37 -11.31 3.72
CA THR A 215 21.25 -10.31 4.31
C THR A 215 20.54 -9.51 5.40
N ARG A 216 19.31 -9.10 5.13
CA ARG A 216 18.54 -8.33 6.10
C ARG A 216 18.27 -9.15 7.34
N MET A 217 18.05 -10.46 7.18
CA MET A 217 17.78 -11.29 8.34
C MET A 217 19.05 -11.52 9.14
N ARG A 218 20.20 -11.66 8.47
CA ARG A 218 21.44 -11.86 9.21
C ARG A 218 21.85 -10.58 9.94
N MET A 219 21.57 -9.41 9.37
CA MET A 219 21.86 -8.16 10.05
C MET A 219 21.09 -8.04 11.37
N VAL A 220 19.87 -8.49 11.41
CA VAL A 220 19.13 -8.45 12.63
C VAL A 220 19.74 -9.38 13.71
N GLN A 221 20.06 -10.58 13.30
CA GLN A 221 20.64 -11.56 14.19
C GLN A 221 22.04 -11.21 14.63
N ASN A 222 22.72 -10.42 13.84
CA ASN A 222 24.07 -10.02 14.15
C ASN A 222 24.15 -8.68 14.84
N ASN A 223 22.98 -8.16 15.21
CA ASN A 223 22.80 -6.88 15.88
C ASN A 223 23.26 -5.68 15.09
N GLU A 224 23.18 -5.77 13.79
CA GLU A 224 23.50 -4.65 12.92
C GLU A 224 22.23 -3.87 12.56
N LEU A 225 21.10 -4.41 12.95
CA LEU A 225 19.78 -3.86 12.78
C LEU A 225 19.00 -4.38 13.97
N ASP A 226 18.20 -3.50 14.52
CA ASP A 226 17.34 -3.75 15.61
C ASP A 226 16.11 -4.47 15.13
N THR A 227 15.60 -4.15 13.95
CA THR A 227 14.36 -4.68 13.40
C THR A 227 14.47 -4.80 11.89
N ALA A 228 13.54 -5.55 11.31
CA ALA A 228 13.49 -5.63 9.86
C ALA A 228 12.07 -5.99 9.44
N ILE A 229 11.68 -5.55 8.26
CA ILE A 229 10.39 -5.95 7.69
C ILE A 229 10.64 -7.00 6.62
N PHE A 230 9.58 -7.69 6.22
CA PHE A 230 9.63 -8.65 5.10
C PHE A 230 10.57 -9.82 5.40
N VAL A 231 10.28 -10.54 6.49
CA VAL A 231 10.96 -11.78 6.83
C VAL A 231 10.73 -12.78 5.70
N PRO A 232 11.78 -13.31 5.08
CA PRO A 232 11.57 -14.36 4.06
C PRO A 232 10.77 -15.52 4.65
N PHE A 233 9.74 -15.93 3.91
CA PHE A 233 8.83 -16.97 4.40
C PHE A 233 9.59 -18.24 4.79
N SER A 234 10.63 -18.57 4.04
CA SER A 234 11.38 -19.79 4.28
C SER A 234 11.99 -19.83 5.66
N ARG A 235 12.18 -18.67 6.30
CA ARG A 235 12.91 -18.60 7.56
C ARG A 235 12.01 -18.29 8.76
N VAL A 236 10.69 -18.27 8.58
CA VAL A 236 9.83 -17.89 9.69
C VAL A 236 9.84 -18.97 10.78
N GLU A 237 9.78 -20.24 10.38
CA GLU A 237 9.71 -21.31 11.37
C GLU A 237 11.00 -21.36 12.23
N GLU A 238 12.17 -21.30 11.60
CA GLU A 238 13.42 -21.32 12.36
C GLU A 238 13.61 -20.03 13.16
N LEU A 239 13.23 -18.87 12.62
CA LEU A 239 13.40 -17.65 13.39
C LEU A 239 12.39 -17.53 14.52
N LYS A 240 11.33 -18.33 14.50
CA LYS A 240 10.40 -18.37 15.62
C LYS A 240 10.94 -19.17 16.79
N LYS A 241 11.95 -20.01 16.60
CA LYS A 241 12.63 -20.68 17.70
C LYS A 241 13.94 -20.00 18.09
N ASP A 242 14.32 -18.91 17.43
CA ASP A 242 15.53 -18.18 17.78
C ASP A 242 15.21 -17.26 18.98
N LYS A 243 15.93 -17.45 20.08
CA LYS A 243 15.60 -16.79 21.33
C LYS A 243 16.06 -15.34 21.37
N ASN A 244 17.04 -14.95 20.55
CA ASN A 244 17.50 -13.58 20.58
C ASN A 244 16.61 -12.61 19.82
N VAL A 245 15.64 -13.12 19.05
CA VAL A 245 14.83 -12.28 18.19
C VAL A 245 13.36 -12.66 18.36
N VAL A 246 12.49 -11.77 17.89
CA VAL A 246 11.05 -11.94 17.97
C VAL A 246 10.48 -11.80 16.56
N ILE A 247 9.74 -12.82 16.12
CA ILE A 247 9.01 -12.76 14.87
C ILE A 247 7.63 -12.18 15.14
N HIS A 248 7.29 -11.10 14.43
CA HIS A 248 5.93 -10.58 14.44
C HIS A 248 5.13 -11.12 13.27
N SER A 249 3.90 -11.52 13.54
CA SER A 249 2.98 -11.96 12.49
C SER A 249 1.68 -11.21 12.72
N ASP A 250 1.57 -10.04 12.11
CA ASP A 250 0.46 -9.13 12.37
C ASP A 250 -0.61 -9.23 11.30
N PRO A 251 -1.86 -9.20 11.76
CA PRO A 251 -2.99 -9.18 10.83
C PRO A 251 -2.87 -8.00 9.88
N SER A 252 -3.13 -8.26 8.61
CA SER A 252 -2.78 -7.34 7.54
C SER A 252 -3.96 -7.16 6.61
N THR A 253 -3.83 -6.18 5.73
CA THR A 253 -4.70 -6.07 4.58
C THR A 253 -3.94 -6.38 3.31
N ARG A 254 -2.89 -7.20 3.41
CA ARG A 254 -1.94 -7.43 2.33
C ARG A 254 -2.39 -8.53 1.36
N GLU A 255 -2.18 -8.28 0.06
CA GLU A 255 -2.38 -9.28 -1.00
C GLU A 255 -1.31 -9.18 -2.07
N ASP A 256 -0.79 -10.34 -2.47
CA ASP A 256 0.14 -10.46 -3.58
C ASP A 256 -0.53 -10.97 -4.84
N HIS A 257 -0.12 -10.43 -5.97
CA HIS A 257 -0.78 -10.65 -7.24
C HIS A 257 0.29 -10.70 -8.31
N LEU A 258 -0.02 -11.41 -9.38
CA LEU A 258 0.79 -11.37 -10.58
C LEU A 258 0.20 -10.28 -11.46
N LEU A 259 0.99 -9.25 -11.76
CA LEU A 259 0.55 -8.20 -12.68
C LEU A 259 0.61 -8.70 -14.11
N ILE A 260 -0.35 -8.25 -14.93
CA ILE A 260 -0.35 -8.51 -16.36
C ILE A 260 -0.39 -7.17 -17.10
N ASN A 261 0.55 -6.97 -18.02
CA ASN A 261 0.50 -5.79 -18.86
C ASN A 261 -0.52 -6.04 -19.97
N HIS A 262 -1.72 -5.48 -19.80
CA HIS A 262 -2.78 -5.72 -20.77
C HIS A 262 -2.54 -5.04 -22.10
N GLU A 263 -1.60 -4.11 -22.22
CA GLU A 263 -1.37 -3.52 -23.54
C GLU A 263 -0.23 -4.20 -24.29
N HIS A 264 0.20 -5.38 -23.84
CA HIS A 264 1.31 -6.07 -24.47
C HIS A 264 0.78 -7.24 -25.30
N GLY A 265 0.42 -6.92 -26.53
CA GLY A 265 0.01 -7.94 -27.48
C GLY A 265 -1.18 -8.71 -26.99
N LEU A 266 -1.10 -10.03 -27.15
CA LEU A 266 -2.19 -10.93 -26.83
C LEU A 266 -2.51 -10.98 -25.34
N LEU A 267 -1.73 -10.36 -24.48
CA LEU A 267 -2.19 -10.24 -23.11
C LEU A 267 -3.41 -9.32 -23.02
N ALA A 268 -3.71 -8.59 -24.09
CA ALA A 268 -4.91 -7.77 -24.12
C ALA A 268 -6.18 -8.61 -24.16
N LYS A 269 -6.10 -9.86 -24.64
CA LYS A 269 -7.29 -10.71 -24.75
C LYS A 269 -7.64 -11.32 -23.40
N PRO A 270 -8.89 -11.20 -22.94
CA PRO A 270 -9.31 -11.88 -21.70
C PRO A 270 -8.98 -13.37 -21.67
N GLU A 271 -9.18 -14.05 -22.77
CA GLU A 271 -8.92 -15.46 -22.92
C GLU A 271 -7.51 -15.79 -22.59
N VAL A 272 -6.57 -15.07 -23.11
CA VAL A 272 -5.20 -15.33 -22.82
C VAL A 272 -4.87 -15.21 -21.34
N ARG A 273 -5.40 -14.20 -20.67
CA ARG A 273 -5.24 -13.99 -19.25
C ARG A 273 -5.91 -15.07 -18.50
N GLN A 274 -7.05 -15.50 -18.96
CA GLN A 274 -7.76 -16.55 -18.37
C GLN A 274 -6.97 -17.87 -18.42
N ALA A 275 -6.28 -18.13 -19.52
CA ALA A 275 -5.48 -19.29 -19.70
C ALA A 275 -4.33 -19.27 -18.72
N LEU A 276 -3.74 -18.13 -18.50
CA LEU A 276 -2.67 -18.04 -17.56
C LEU A 276 -3.19 -18.25 -16.18
N ASP A 277 -4.35 -17.73 -15.90
CA ASP A 277 -4.91 -17.95 -14.57
C ASP A 277 -5.16 -19.43 -14.32
N MET A 278 -5.57 -20.17 -15.35
CA MET A 278 -5.85 -21.60 -15.23
C MET A 278 -4.61 -22.47 -15.26
N ALA A 279 -3.49 -21.93 -15.72
CA ALA A 279 -2.26 -22.70 -15.82
C ALA A 279 -1.37 -22.52 -14.61
N ILE A 280 -1.85 -21.79 -13.59
CA ILE A 280 -1.07 -21.50 -12.39
C ILE A 280 -1.82 -22.10 -11.21
N ASP A 281 -1.22 -23.11 -10.59
CA ASP A 281 -1.78 -23.83 -9.45
C ASP A 281 -1.50 -23.02 -8.18
N LYS A 282 -2.53 -22.31 -7.71
CA LYS A 282 -2.38 -21.39 -6.58
C LYS A 282 -2.04 -22.13 -5.29
N GLN A 283 -2.80 -23.20 -4.98
CA GLN A 283 -2.51 -24.07 -3.84
C GLN A 283 -1.03 -24.41 -3.73
N SER A 284 -0.49 -25.07 -4.75
CA SER A 284 0.89 -25.51 -4.68
C SER A 284 1.86 -24.32 -4.63
N LEU A 285 1.51 -23.23 -5.31
CA LEU A 285 2.39 -22.06 -5.33
C LEU A 285 2.38 -21.37 -3.98
N VAL A 286 1.20 -21.13 -3.42
CA VAL A 286 1.15 -20.48 -2.12
C VAL A 286 1.75 -21.38 -1.05
N LYS A 287 1.51 -22.69 -1.11
CA LYS A 287 2.09 -23.52 -0.06
C LYS A 287 3.59 -23.65 -0.21
N THR A 288 4.10 -23.61 -1.44
CA THR A 288 5.56 -23.75 -1.53
C THR A 288 6.29 -22.44 -1.33
N ALA A 289 5.90 -21.39 -2.07
CA ALA A 289 6.64 -20.13 -1.97
C ALA A 289 6.46 -19.48 -0.60
N THR A 290 5.30 -19.67 0.05
CA THR A 290 5.06 -19.02 1.33
C THR A 290 5.20 -19.97 2.52
N TYR A 291 5.51 -21.24 2.29
CA TYR A 291 5.74 -22.19 3.39
C TYR A 291 4.51 -22.28 4.30
N GLY A 292 3.32 -22.25 3.69
CA GLY A 292 2.08 -22.27 4.47
C GLY A 292 1.77 -21.00 5.25
N GLN A 293 2.57 -19.95 5.11
CA GLN A 293 2.20 -18.65 5.67
C GLN A 293 1.11 -17.94 4.86
N GLY A 294 0.92 -18.30 3.60
CA GLY A 294 -0.02 -17.63 2.76
C GLY A 294 -1.37 -18.33 2.75
N THR A 295 -2.35 -17.62 2.24
CA THR A 295 -3.71 -18.10 2.05
C THR A 295 -4.07 -17.74 0.64
N VAL A 296 -4.52 -18.71 -0.15
CA VAL A 296 -4.82 -18.47 -1.56
C VAL A 296 -5.80 -17.32 -1.68
N ALA A 297 -5.45 -16.32 -2.50
CA ALA A 297 -6.32 -15.19 -2.83
C ALA A 297 -7.17 -15.51 -4.04
N TYR A 298 -8.40 -15.02 -4.02
CA TYR A 298 -9.37 -15.24 -5.08
C TYR A 298 -10.11 -13.96 -5.44
N SER A 299 -9.73 -12.85 -4.82
CA SER A 299 -10.39 -11.56 -4.98
C SER A 299 -9.39 -10.45 -4.69
N TYR A 300 -9.55 -9.34 -5.42
CA TYR A 300 -8.62 -8.23 -5.24
C TYR A 300 -8.85 -7.52 -3.92
N ILE A 301 -10.00 -7.73 -3.29
CA ILE A 301 -10.28 -7.16 -1.97
C ILE A 301 -9.85 -8.21 -0.93
N PRO A 302 -8.93 -7.87 -0.03
CA PRO A 302 -8.32 -8.90 0.79
C PRO A 302 -9.30 -9.44 1.81
N LYS A 303 -9.13 -10.72 2.13
CA LYS A 303 -9.99 -11.40 3.09
C LYS A 303 -9.98 -10.66 4.42
N GLY A 304 -11.17 -10.52 5.01
CA GLY A 304 -11.30 -9.79 6.25
C GLY A 304 -11.52 -8.31 6.08
N SER A 305 -11.32 -7.77 4.88
CA SER A 305 -11.55 -6.36 4.64
C SER A 305 -12.98 -6.13 4.16
N LEU A 306 -13.41 -4.88 4.29
CA LEU A 306 -14.79 -4.52 4.02
C LEU A 306 -15.21 -4.95 2.63
N TYR A 307 -16.30 -5.72 2.56
CA TYR A 307 -16.99 -6.17 1.33
C TYR A 307 -16.27 -7.31 0.61
N HIS A 308 -15.25 -7.89 1.22
CA HIS A 308 -14.59 -9.06 0.66
C HIS A 308 -15.62 -10.14 0.38
N TYR A 309 -15.51 -10.75 -0.80
CA TYR A 309 -16.50 -11.69 -1.29
C TYR A 309 -15.88 -13.09 -1.29
N ALA A 310 -16.23 -13.87 -0.25
CA ALA A 310 -15.56 -15.13 0.02
C ALA A 310 -15.74 -16.16 -1.09
N ASN A 311 -16.86 -16.11 -1.82
CA ASN A 311 -17.14 -17.07 -2.88
C ASN A 311 -16.80 -16.50 -4.27
N ASN A 312 -15.83 -15.63 -4.36
CA ASN A 312 -15.37 -15.19 -5.68
C ASN A 312 -14.73 -16.37 -6.40
N LEU A 313 -14.84 -16.35 -7.72
CA LEU A 313 -14.43 -17.48 -8.54
C LEU A 313 -12.96 -17.83 -8.34
N GLN A 314 -12.69 -19.09 -8.08
CA GLN A 314 -11.37 -19.68 -8.24
C GLN A 314 -11.39 -20.59 -9.46
N ARG A 315 -10.73 -20.17 -10.53
CA ARG A 315 -10.57 -21.04 -11.69
C ARG A 315 -9.76 -22.27 -11.29
N PRO A 316 -10.28 -23.48 -11.44
CA PRO A 316 -9.49 -24.66 -11.08
C PRO A 316 -8.28 -24.79 -12.00
N TYR A 317 -7.20 -25.37 -11.47
CA TYR A 317 -6.03 -25.65 -12.29
C TYR A 317 -6.46 -26.53 -13.45
N ASP A 318 -6.33 -26.05 -14.69
CA ASP A 318 -6.77 -26.81 -15.86
C ASP A 318 -5.85 -26.54 -17.04
N PRO A 319 -4.72 -27.24 -17.11
CA PRO A 319 -3.77 -26.97 -18.20
C PRO A 319 -4.35 -27.29 -19.56
N ALA A 320 -5.29 -28.24 -19.65
CA ALA A 320 -5.86 -28.60 -20.95
C ALA A 320 -6.70 -27.45 -21.50
N ALA A 321 -7.57 -26.89 -20.67
CA ALA A 321 -8.39 -25.78 -21.11
C ALA A 321 -7.57 -24.51 -21.36
N ALA A 322 -6.39 -24.40 -20.75
CA ALA A 322 -5.58 -23.21 -21.00
C ALA A 322 -4.90 -23.31 -22.35
N LYS A 323 -4.38 -24.49 -22.67
CA LYS A 323 -3.82 -24.72 -24.00
C LYS A 323 -4.83 -24.42 -25.07
N LYS A 324 -6.10 -24.74 -24.82
CA LYS A 324 -7.10 -24.54 -25.88
C LYS A 324 -7.46 -23.07 -26.03
N LEU A 325 -7.65 -22.38 -24.91
CA LEU A 325 -7.89 -20.94 -24.89
C LEU A 325 -6.76 -20.19 -25.58
N LEU A 326 -5.53 -20.55 -25.29
CA LEU A 326 -4.41 -19.93 -25.92
C LEU A 326 -4.39 -20.20 -27.39
N ALA A 327 -4.60 -21.43 -27.80
CA ALA A 327 -4.61 -21.76 -29.23
C ALA A 327 -5.76 -21.05 -29.97
N ASP A 328 -6.96 -21.06 -29.38
CA ASP A 328 -8.06 -20.35 -30.00
C ASP A 328 -7.76 -18.85 -30.11
N ALA A 329 -7.04 -18.30 -29.12
CA ALA A 329 -6.66 -16.89 -29.13
C ALA A 329 -5.44 -16.60 -30.02
N GLY A 330 -5.04 -17.54 -30.88
CA GLY A 330 -3.82 -17.41 -31.66
C GLY A 330 -2.54 -17.21 -30.85
N ALA A 331 -2.51 -17.69 -29.62
CA ALA A 331 -1.43 -17.34 -28.69
C ALA A 331 -0.69 -18.58 -28.17
N LYS A 332 -0.40 -19.53 -29.06
CA LYS A 332 0.14 -20.82 -28.64
C LYS A 332 1.59 -20.70 -28.17
N ASP A 333 2.42 -19.89 -28.82
CA ASP A 333 3.81 -19.80 -28.39
C ASP A 333 4.03 -18.48 -27.67
N LEU A 334 3.21 -18.24 -26.66
CA LEU A 334 3.25 -17.00 -25.90
C LEU A 334 4.53 -16.93 -25.06
N LYS A 335 5.35 -15.93 -25.33
CA LYS A 335 6.55 -15.68 -24.55
C LYS A 335 6.32 -14.41 -23.75
N LEU A 336 6.75 -14.42 -22.51
CA LEU A 336 6.57 -13.29 -21.66
C LEU A 336 7.80 -12.85 -20.95
N ASN A 337 7.92 -11.58 -20.83
CA ASN A 337 8.99 -11.00 -20.07
C ASN A 337 8.47 -10.91 -18.62
N TYR A 338 8.97 -11.76 -17.76
CA TYR A 338 8.58 -11.82 -16.37
C TYR A 338 9.64 -11.14 -15.48
N VAL A 339 9.32 -9.94 -15.06
CA VAL A 339 10.17 -9.15 -14.21
C VAL A 339 10.19 -9.68 -12.78
N VAL A 340 11.38 -9.88 -12.28
CA VAL A 340 11.59 -10.46 -10.98
C VAL A 340 12.44 -9.58 -10.07
N ASN A 341 12.10 -9.47 -8.81
CA ASN A 341 12.85 -8.68 -7.86
C ASN A 341 13.89 -9.54 -7.15
N ALA A 342 15.13 -9.35 -7.49
CA ALA A 342 16.25 -10.10 -6.99
C ALA A 342 16.49 -9.80 -5.54
N GLY A 343 16.70 -10.83 -4.76
CA GLY A 343 16.80 -10.68 -3.32
C GLY A 343 15.48 -10.86 -2.59
N ASN A 344 14.37 -10.74 -3.30
CA ASN A 344 13.04 -10.97 -2.76
C ASN A 344 12.83 -12.47 -2.90
N GLU A 345 12.93 -13.22 -1.81
CA GLU A 345 12.81 -14.67 -1.85
C GLU A 345 11.46 -15.17 -2.39
N ALA A 346 10.37 -14.57 -1.94
CA ALA A 346 9.09 -15.03 -2.43
C ALA A 346 8.97 -14.83 -3.93
N ASP A 347 9.41 -13.67 -4.42
CA ASP A 347 9.35 -13.34 -5.80
C ASP A 347 10.17 -14.31 -6.67
N GLU A 348 11.37 -14.61 -6.24
CA GLU A 348 12.23 -15.48 -6.90
C GLU A 348 11.67 -16.83 -6.96
N GLN A 349 11.17 -17.31 -5.84
CA GLN A 349 10.56 -18.61 -5.75
C GLN A 349 9.28 -18.73 -6.52
N ILE A 350 8.46 -17.72 -6.48
CA ILE A 350 7.23 -17.71 -7.24
C ILE A 350 7.51 -17.78 -8.73
N ALA A 351 8.50 -17.07 -9.21
CA ALA A 351 8.84 -17.02 -10.60
C ALA A 351 9.28 -18.35 -11.13
N VAL A 352 10.03 -19.08 -10.34
CA VAL A 352 10.44 -20.39 -10.70
C VAL A 352 9.23 -21.28 -10.83
N ILE A 353 8.33 -21.20 -9.89
CA ILE A 353 7.16 -22.02 -9.99
C ILE A 353 6.32 -21.65 -11.14
N ILE A 354 6.08 -20.36 -11.31
CA ILE A 354 5.27 -19.89 -12.38
C ILE A 354 5.86 -20.23 -13.71
N LYS A 355 7.15 -20.10 -13.87
CA LYS A 355 7.78 -20.47 -15.10
C LYS A 355 7.62 -21.93 -15.45
N ASP A 356 7.72 -22.78 -14.45
CA ASP A 356 7.57 -24.18 -14.66
C ASP A 356 6.16 -24.57 -15.03
N GLN A 357 5.19 -24.00 -14.36
CA GLN A 357 3.84 -24.30 -14.67
C GLN A 357 3.40 -23.79 -15.99
N LEU A 358 3.87 -22.63 -16.37
CA LEU A 358 3.49 -22.05 -17.66
C LEU A 358 4.07 -22.85 -18.82
N ALA A 359 5.29 -23.35 -18.67
CA ALA A 359 5.88 -24.21 -19.70
C ALA A 359 5.01 -25.42 -19.99
N LYS A 360 4.18 -25.86 -19.04
CA LYS A 360 3.39 -27.06 -19.27
C LYS A 360 2.23 -26.77 -20.21
N VAL A 361 1.78 -25.51 -20.30
CA VAL A 361 0.79 -25.12 -21.28
C VAL A 361 1.45 -24.43 -22.46
N GLY A 362 2.77 -24.55 -22.60
CA GLY A 362 3.47 -24.00 -23.74
C GLY A 362 3.82 -22.53 -23.69
N VAL A 363 3.81 -21.92 -22.50
CA VAL A 363 4.09 -20.50 -22.36
C VAL A 363 5.49 -20.32 -21.78
N THR A 364 6.34 -19.57 -22.48
CA THR A 364 7.71 -19.33 -22.04
C THR A 364 7.77 -18.03 -21.24
N ALA A 365 7.94 -18.15 -19.92
CA ALA A 365 8.26 -17.00 -19.08
C ALA A 365 9.78 -16.84 -19.00
N ASN A 366 10.30 -15.74 -19.50
CA ASN A 366 11.71 -15.40 -19.28
C ASN A 366 11.84 -14.49 -18.07
N LEU A 367 12.68 -14.90 -17.13
CA LEU A 367 12.87 -14.17 -15.89
C LEU A 367 13.94 -13.11 -16.12
N GLN A 368 13.55 -11.86 -16.01
CA GLN A 368 14.51 -10.76 -15.96
C GLN A 368 14.62 -10.30 -14.51
N LYS A 369 15.71 -10.67 -13.85
CA LYS A 369 15.91 -10.36 -12.45
C LYS A 369 16.49 -8.96 -12.37
N VAL A 370 15.86 -8.12 -11.55
CA VAL A 370 16.22 -6.72 -11.47
C VAL A 370 16.28 -6.32 -10.02
N ASP A 371 17.08 -5.29 -9.75
CA ASP A 371 17.14 -4.67 -8.44
C ASP A 371 15.72 -4.36 -7.97
N PRO A 372 15.33 -4.81 -6.78
CA PRO A 372 13.95 -4.55 -6.33
C PRO A 372 13.62 -3.08 -6.26
N THR A 373 14.60 -2.22 -5.98
CA THR A 373 14.28 -0.80 -5.90
C THR A 373 13.89 -0.21 -7.23
N GLN A 374 14.12 -0.94 -8.33
CA GLN A 374 13.95 -0.42 -9.68
C GLN A 374 12.73 -0.96 -10.40
N SER A 375 12.09 -2.00 -9.87
CA SER A 375 11.06 -2.67 -10.66
C SER A 375 9.78 -1.86 -10.78
N TRP A 376 9.47 -1.04 -9.78
CA TRP A 376 8.23 -0.27 -9.83
C TRP A 376 8.21 0.67 -11.02
N GLN A 377 9.33 1.33 -11.29
CA GLN A 377 9.39 2.23 -12.44
C GLN A 377 9.22 1.46 -13.75
N MET A 378 9.71 0.22 -13.81
CA MET A 378 9.44 -0.61 -14.98
C MET A 378 7.97 -0.95 -15.13
N LEU A 379 7.23 -1.05 -14.01
CA LEU A 379 5.78 -1.25 -14.10
C LEU A 379 5.07 0.01 -14.58
N VAL A 380 5.53 1.19 -14.17
CA VAL A 380 4.92 2.43 -14.63
C VAL A 380 5.17 2.62 -16.12
N ASP A 381 6.42 2.45 -16.54
CA ASP A 381 6.75 2.55 -17.97
C ASP A 381 6.28 1.34 -18.76
N GLY A 382 5.76 0.30 -18.10
CA GLY A 382 5.16 -0.80 -18.83
C GLY A 382 6.12 -1.74 -19.52
N THR A 383 7.38 -1.79 -19.09
CA THR A 383 8.42 -2.62 -19.68
C THR A 383 8.48 -3.99 -19.02
N TYR A 384 7.36 -4.71 -19.14
CA TYR A 384 7.15 -5.99 -18.48
C TYR A 384 5.89 -6.60 -19.06
N ASP A 385 5.78 -7.91 -18.93
CA ASP A 385 4.58 -8.63 -19.29
C ASP A 385 3.86 -9.06 -18.01
N ILE A 386 4.60 -9.63 -17.09
CA ILE A 386 4.12 -10.09 -15.84
C ILE A 386 5.17 -9.85 -14.80
N SER A 387 4.72 -9.61 -13.59
CA SER A 387 5.55 -9.29 -12.45
C SER A 387 4.70 -9.39 -11.22
N VAL A 388 5.30 -9.82 -10.12
CA VAL A 388 4.59 -9.95 -8.87
C VAL A 388 4.74 -8.69 -8.05
N MET A 389 3.63 -8.22 -7.51
CA MET A 389 3.59 -7.06 -6.65
C MET A 389 2.54 -7.28 -5.57
N TYR A 390 2.49 -6.38 -4.61
CA TYR A 390 1.56 -6.46 -3.51
C TYR A 390 0.90 -5.12 -3.20
N TRP A 391 -0.20 -5.20 -2.49
CA TRP A 391 -0.95 -4.04 -2.09
C TRP A 391 -1.42 -4.19 -0.65
N THR A 392 -1.35 -3.11 0.09
CA THR A 392 -1.80 -3.03 1.45
C THR A 392 -2.69 -1.80 1.54
N ASN A 393 -3.81 -1.93 2.23
CA ASN A 393 -4.70 -0.81 2.40
C ASN A 393 -4.18 0.22 3.40
N ASP A 394 -4.42 1.49 3.13
CA ASP A 394 -4.04 2.56 4.04
C ASP A 394 -5.27 3.08 4.77
N ILE A 395 -6.45 2.62 4.36
CA ILE A 395 -7.72 3.02 4.93
C ILE A 395 -8.65 1.83 5.08
N LEU A 396 -9.70 2.02 5.86
CA LEU A 396 -10.65 1.01 6.15
C LEU A 396 -11.80 0.94 5.23
N ASP A 397 -11.58 1.33 3.99
CA ASP A 397 -12.56 1.29 2.97
C ASP A 397 -11.97 0.73 1.68
N PRO A 398 -12.76 0.02 0.92
CA PRO A 398 -12.41 -0.62 -0.32
C PRO A 398 -12.14 0.31 -1.49
N ASP A 399 -12.58 1.54 -1.41
CA ASP A 399 -12.38 2.48 -2.44
C ASP A 399 -10.93 2.79 -2.73
N GLN A 400 -10.05 2.84 -1.76
CA GLN A 400 -8.67 3.13 -2.09
C GLN A 400 -8.03 2.14 -3.07
N LYS A 401 -8.13 0.87 -2.78
CA LYS A 401 -7.59 -0.15 -3.69
C LYS A 401 -8.42 -0.26 -4.97
N THR A 402 -9.74 -0.18 -4.86
CA THR A 402 -10.55 -0.25 -6.07
C THR A 402 -10.13 0.83 -7.06
N THR A 403 -9.87 2.05 -6.56
CA THR A 403 -9.54 3.15 -7.46
C THR A 403 -8.19 2.93 -8.12
N PHE A 404 -7.19 2.56 -7.31
CA PHE A 404 -5.84 2.36 -7.80
C PHE A 404 -5.76 1.18 -8.77
N VAL A 405 -6.57 0.17 -8.57
CA VAL A 405 -6.45 -1.09 -9.29
C VAL A 405 -7.48 -1.19 -10.41
N LEU A 406 -8.61 -0.51 -10.24
CA LEU A 406 -9.72 -0.66 -11.17
C LEU A 406 -10.30 0.65 -11.67
N GLY A 407 -9.92 1.79 -11.10
CA GLY A 407 -10.53 3.07 -11.40
C GLY A 407 -10.10 3.72 -12.67
N HIS A 408 -9.09 3.18 -13.36
CA HIS A 408 -8.59 3.79 -14.59
C HIS A 408 -8.13 5.21 -14.33
N ASP A 409 -7.54 5.45 -13.17
CA ASP A 409 -6.98 6.76 -12.88
C ASP A 409 -5.56 6.78 -13.44
N THR A 410 -4.75 7.79 -13.06
CA THR A 410 -3.41 7.95 -13.62
C THR A 410 -2.53 6.72 -13.38
N ASN A 411 -2.92 5.83 -12.47
CA ASN A 411 -2.07 4.69 -12.13
C ASN A 411 -2.24 3.53 -13.10
N GLN A 412 -3.18 3.65 -14.05
CA GLN A 412 -3.51 2.63 -15.02
C GLN A 412 -3.68 1.27 -14.37
N ASN A 413 -4.62 1.22 -13.44
CA ASN A 413 -5.05 0.03 -12.73
C ASN A 413 -3.91 -0.87 -12.29
N TYR A 414 -3.11 -0.32 -11.38
CA TYR A 414 -1.90 -0.94 -10.87
C TYR A 414 -0.93 -1.26 -11.99
N MET A 415 -0.81 -0.34 -12.93
CA MET A 415 0.07 -0.40 -14.08
C MET A 415 -0.19 -1.59 -15.02
N THR A 416 -1.40 -2.11 -15.05
CA THR A 416 -1.79 -3.25 -15.86
C THR A 416 -2.41 -2.80 -17.14
N ARG A 417 -2.90 -1.57 -17.13
CA ARG A 417 -3.56 -0.96 -18.27
C ARG A 417 -4.80 -1.73 -18.68
N TYR A 418 -5.46 -2.32 -17.71
CA TYR A 418 -6.67 -3.00 -17.85
C TYR A 418 -7.67 -1.91 -18.22
N LYS A 419 -8.48 -2.19 -19.21
CA LYS A 419 -9.47 -1.24 -19.60
C LYS A 419 -10.79 -1.87 -19.80
N ASN A 420 -11.72 -1.52 -18.97
CA ASN A 420 -13.10 -2.00 -19.03
C ASN A 420 -14.00 -0.86 -18.60
N ASP A 421 -14.90 -0.43 -19.51
CA ASP A 421 -15.72 0.75 -19.26
C ASP A 421 -16.75 0.50 -18.17
N GLN A 422 -17.39 -0.67 -18.18
CA GLN A 422 -18.30 -0.99 -17.10
C GLN A 422 -17.60 -0.93 -15.75
N VAL A 423 -16.38 -1.44 -15.68
CA VAL A 423 -15.68 -1.39 -14.41
C VAL A 423 -15.35 0.06 -14.04
N LYS A 424 -14.78 0.82 -14.97
CA LYS A 424 -14.45 2.21 -14.68
C LYS A 424 -15.65 2.97 -14.14
N ALA A 425 -16.84 2.76 -14.73
CA ALA A 425 -18.04 3.45 -14.25
C ALA A 425 -18.45 2.92 -12.88
N LEU A 426 -18.48 1.59 -12.73
CA LEU A 426 -18.85 0.97 -11.46
C LEU A 426 -17.97 1.47 -10.30
N VAL A 427 -16.70 1.76 -10.56
CA VAL A 427 -15.82 2.22 -9.49
C VAL A 427 -16.27 3.57 -8.94
N ALA A 428 -16.61 4.50 -9.84
CA ALA A 428 -17.06 5.83 -9.39
C ALA A 428 -18.40 5.74 -8.68
N ALA A 429 -19.29 4.89 -9.18
CA ALA A 429 -20.61 4.75 -8.59
C ALA A 429 -20.53 4.05 -7.25
N ALA A 430 -19.72 2.99 -7.15
CA ALA A 430 -19.53 2.34 -5.86
C ALA A 430 -19.10 3.34 -4.80
N ARG A 431 -18.23 4.27 -5.17
CA ARG A 431 -17.72 5.25 -4.20
C ARG A 431 -18.84 6.16 -3.70
N ILE A 432 -19.70 6.62 -4.62
CA ILE A 432 -20.73 7.61 -4.33
C ILE A 432 -21.95 7.01 -3.66
N GLU A 433 -22.11 5.70 -3.67
CA GLU A 433 -23.39 5.13 -3.27
C GLU A 433 -23.60 5.20 -1.78
N ALA A 434 -24.76 5.72 -1.39
CA ALA A 434 -25.07 6.01 0.00
C ALA A 434 -25.87 4.91 0.67
N ASP A 435 -26.50 4.03 -0.10
CA ASP A 435 -27.12 2.85 0.45
C ASP A 435 -26.03 1.87 0.83
N PRO A 436 -25.77 1.62 2.11
CA PRO A 436 -24.64 0.75 2.47
C PRO A 436 -24.78 -0.66 1.91
N ALA A 437 -26.01 -1.16 1.77
CA ALA A 437 -26.22 -2.53 1.30
C ALA A 437 -26.02 -2.66 -0.21
N LYS A 438 -26.34 -1.60 -0.94
CA LYS A 438 -26.17 -1.56 -2.39
C LYS A 438 -24.72 -1.30 -2.71
N ARG A 439 -24.08 -0.51 -1.86
CA ARG A 439 -22.68 -0.19 -2.00
C ARG A 439 -21.87 -1.46 -1.87
N GLU A 440 -22.21 -2.29 -0.90
CA GLU A 440 -21.52 -3.54 -0.70
C GLU A 440 -21.73 -4.42 -1.90
N GLN A 441 -22.88 -4.29 -2.51
CA GLN A 441 -23.20 -5.12 -3.66
C GLN A 441 -22.42 -4.69 -4.89
N MET A 442 -22.05 -3.42 -4.96
CA MET A 442 -21.28 -2.94 -6.09
C MET A 442 -19.83 -3.39 -6.00
N TYR A 443 -19.32 -3.51 -4.80
CA TYR A 443 -17.96 -4.04 -4.66
C TYR A 443 -17.91 -5.53 -4.84
N ILE A 444 -19.03 -6.23 -4.62
CA ILE A 444 -19.09 -7.64 -4.96
C ILE A 444 -19.05 -7.80 -6.47
N ASP A 445 -19.75 -6.92 -7.18
CA ASP A 445 -19.73 -6.96 -8.63
C ASP A 445 -18.36 -6.59 -9.18
N LEU A 446 -17.71 -5.60 -8.57
CA LEU A 446 -16.33 -5.29 -8.91
C LEU A 446 -15.40 -6.48 -8.72
N GLN A 447 -15.53 -7.22 -7.61
CA GLN A 447 -14.64 -8.37 -7.42
C GLN A 447 -14.92 -9.45 -8.48
N LYS A 448 -16.20 -9.66 -8.82
CA LYS A 448 -16.58 -10.59 -9.89
C LYS A 448 -16.11 -10.09 -11.26
N LEU A 449 -16.40 -8.83 -11.58
CA LEU A 449 -15.95 -8.30 -12.87
C LEU A 449 -14.43 -8.39 -13.01
N ALA A 450 -13.67 -7.90 -12.02
CA ALA A 450 -12.22 -7.98 -12.11
C ALA A 450 -11.75 -9.42 -12.29
N LYS A 451 -12.37 -10.35 -11.56
CA LYS A 451 -12.02 -11.74 -11.68
C LYS A 451 -12.31 -12.31 -13.08
N GLN A 452 -13.46 -11.96 -13.64
CA GLN A 452 -13.84 -12.43 -14.96
C GLN A 452 -12.90 -11.94 -16.06
N ASP A 453 -12.51 -10.68 -15.96
CA ASP A 453 -11.62 -10.07 -16.94
C ASP A 453 -10.16 -10.35 -16.69
N VAL A 454 -9.85 -10.97 -15.57
CA VAL A 454 -8.48 -11.25 -15.18
C VAL A 454 -7.63 -9.99 -15.24
N ASN A 455 -7.91 -9.04 -14.35
CA ASN A 455 -7.17 -7.77 -14.29
C ASN A 455 -5.70 -8.03 -13.93
N TRP A 456 -5.52 -8.97 -13.03
CA TRP A 456 -4.28 -9.49 -12.55
C TRP A 456 -4.60 -10.88 -11.99
N ILE A 457 -3.57 -11.64 -11.68
CA ILE A 457 -3.80 -12.94 -11.10
C ILE A 457 -3.60 -12.84 -9.59
N ASP A 458 -4.66 -13.12 -8.84
CA ASP A 458 -4.62 -13.07 -7.39
C ASP A 458 -3.78 -14.23 -6.89
N LEU A 459 -2.89 -13.95 -5.95
CA LEU A 459 -1.95 -14.98 -5.48
C LEU A 459 -2.21 -15.36 -4.06
N TYR A 460 -1.87 -14.53 -3.06
CA TYR A 460 -2.17 -14.90 -1.69
C TYR A 460 -2.40 -13.68 -0.81
N TYR A 461 -3.14 -13.91 0.27
CA TYR A 461 -3.15 -13.02 1.43
C TYR A 461 -2.10 -13.54 2.42
N SER A 462 -1.45 -12.63 3.12
CA SER A 462 -0.47 -13.07 4.11
C SER A 462 -0.40 -12.02 5.21
N PRO A 463 -0.08 -12.41 6.43
CA PRO A 463 0.16 -11.41 7.48
C PRO A 463 1.47 -10.66 7.23
N TYR A 464 1.63 -9.57 7.92
CA TYR A 464 2.83 -8.81 7.88
C TYR A 464 3.79 -9.58 8.73
N ILE A 465 4.91 -10.02 8.21
CA ILE A 465 5.87 -10.75 9.02
C ILE A 465 7.15 -10.00 9.17
N ASN A 466 7.41 -9.63 10.39
CA ASN A 466 8.52 -8.81 10.74
C ASN A 466 9.34 -9.36 11.85
N ILE A 467 10.52 -8.84 11.96
CA ILE A 467 11.46 -9.23 12.95
C ILE A 467 12.06 -8.13 13.81
N SER A 468 12.11 -8.38 15.08
CA SER A 468 12.72 -7.50 16.02
C SER A 468 13.60 -8.24 17.03
N ARG A 469 14.64 -7.56 17.49
CA ARG A 469 15.49 -8.03 18.51
C ARG A 469 14.73 -7.95 19.84
N LYS A 470 15.14 -8.75 20.80
CA LYS A 470 14.26 -8.96 21.95
C LYS A 470 14.15 -7.72 22.82
N ASN A 471 15.16 -6.84 22.83
CA ASN A 471 15.10 -5.60 23.59
C ASN A 471 14.18 -4.53 22.96
N VAL A 472 13.50 -4.81 21.85
CA VAL A 472 12.63 -3.84 21.19
C VAL A 472 11.17 -4.17 21.50
N SER A 473 10.43 -3.18 21.97
CA SER A 473 9.07 -3.40 22.43
C SER A 473 8.08 -2.60 21.60
N ASN A 474 6.90 -3.19 21.40
CA ASN A 474 5.76 -2.58 20.74
C ASN A 474 6.06 -2.28 19.27
N PHE A 475 6.88 -3.12 18.64
CA PHE A 475 7.12 -3.06 17.21
C PHE A 475 5.97 -3.78 16.51
N LEU A 476 4.82 -3.12 16.52
CA LEU A 476 3.61 -3.63 15.91
C LEU A 476 3.37 -2.92 14.59
N GLN A 477 3.11 -3.70 13.54
CA GLN A 477 2.54 -3.14 12.33
C GLN A 477 1.04 -3.33 12.37
N ASN A 478 0.29 -2.25 12.11
CA ASN A 478 -1.16 -2.31 12.20
C ASN A 478 -1.74 -2.81 10.89
N PRO A 479 -2.98 -3.30 10.90
CA PRO A 479 -3.55 -3.90 9.68
C PRO A 479 -3.41 -3.02 8.43
N LEU A 480 -3.22 -1.72 8.60
CA LEU A 480 -3.06 -0.83 7.45
C LEU A 480 -1.61 -0.57 7.10
N GLY A 481 -0.67 -1.32 7.67
CA GLY A 481 0.72 -1.15 7.32
C GLY A 481 1.45 -0.07 8.08
N ARG A 482 0.78 0.63 9.00
CA ARG A 482 1.42 1.68 9.76
C ARG A 482 2.10 1.11 11.00
N PHE A 483 3.35 1.51 11.22
CA PHE A 483 4.13 1.00 12.33
C PHE A 483 3.98 1.91 13.56
N THR A 484 3.73 1.31 14.72
CA THR A 484 3.53 2.05 15.96
C THR A 484 4.89 2.47 16.55
N LEU A 485 5.61 3.28 15.78
CA LEU A 485 6.96 3.67 16.16
C LEU A 485 6.96 4.69 17.29
N GLU A 486 5.81 5.33 17.53
CA GLU A 486 5.63 6.16 18.72
C GLU A 486 5.62 5.33 19.97
N GLU A 487 5.08 4.11 19.91
CA GLU A 487 4.96 3.28 21.10
C GLU A 487 6.17 2.39 21.33
N VAL A 488 7.18 2.43 20.47
CA VAL A 488 8.31 1.51 20.55
C VAL A 488 9.23 1.94 21.68
N VAL A 489 9.70 0.96 22.45
CA VAL A 489 10.64 1.18 23.54
C VAL A 489 11.83 0.28 23.30
N LYS A 490 13.04 0.85 23.37
CA LYS A 490 14.28 0.13 23.09
C LYS A 490 15.02 -0.02 24.40
N ASN A 491 15.14 -1.26 24.88
CA ASN A 491 15.68 -1.55 26.20
C ASN A 491 17.07 -2.18 26.17
C1 GOL B . -6.25 -23.32 -8.31
O1 GOL B . -5.16 -22.75 -8.99
C2 GOL B . -5.66 -23.98 -7.02
O2 GOL B . -6.02 -23.27 -5.83
C3 GOL B . -6.06 -25.49 -7.05
O3 GOL B . -6.69 -25.80 -8.27
C1 GOL C . 7.85 -10.23 2.24
O1 GOL C . 7.89 -9.75 0.94
C2 GOL C . 7.21 -11.58 2.13
O2 GOL C . 7.76 -12.36 1.14
C3 GOL C . 7.22 -12.22 3.52
O3 GOL C . 7.54 -11.24 4.49
#